data_7B1L
#
_entry.id   7B1L
#
_cell.length_a   61.630
_cell.length_b   79.480
_cell.length_c   95.420
_cell.angle_alpha   90.000
_cell.angle_beta   90.000
_cell.angle_gamma   90.000
#
_symmetry.space_group_name_H-M   'P 2 21 21'
#
loop_
_entity.id
_entity.type
_entity.pdbx_description
1 polymer 'CDP-diacylglycerol--serine O-phosphatidyltransferase'
2 non-polymer "5'-O-[(R)-{[(S)-{(2R)-2,3-bis[(9E)-octadec-9-enoyloxy]propoxy}(hydroxy)phosphoryl]oxy}(hydroxy)phosphoryl]cytidine"
3 non-polymer 'CALCIUM ION'
4 non-polymer 'CHLORIDE ION'
5 non-polymer SERINE
6 non-polymer 'SODIUM ION'
7 non-polymer 'MAGNESIUM ION'
8 non-polymer '(2R)-2,3-dihydroxypropyl (9Z)-octadec-9-enoate'
9 water water
#
_entity_poly.entity_id   1
_entity_poly.type   'polypeptide(L)'
_entity_poly.pdbx_seq_one_letter_code
;(MSE)GSSHHHHHHSSGLEVLFQGPH(MSE)FSIRKIITISDYVT(MSE)LNIITGLLAILLNSFSLIYLSIIFDSLDGY
VARKTGTVSDFGAELDSISDVVSFGVAPAYLLYNNFESNLALISAIIFCLCGALRLARFGILNVKGFIGLPIPAGALLLV
GFCQLINSYLINSILAILIGLL(MSE)ISDIKYPKYPNKIFIYIFAVSLCLAIVGIPHFAL(MSE)LCLIYAIYGIIKYI
RGDLE
;
_entity_poly.pdbx_strand_id   A,B
#
loop_
_chem_comp.id
_chem_comp.type
_chem_comp.name
_chem_comp.formula
58A non-polymer 5'-O-[(R)-{[(S)-{(2R)-2,3-bis[(9E)-octadec-9-enoyloxy]propoxy}(hydroxy)phosphoryl]oxy}(hydroxy)phosphoryl]cytidine 'C48 H85 N3 O15 P2'
CA non-polymer 'CALCIUM ION' 'Ca 2'
CL non-polymer 'CHLORIDE ION' 'Cl -1'
MG non-polymer 'MAGNESIUM ION' 'Mg 2'
NA non-polymer 'SODIUM ION' 'Na 1'
OLC non-polymer '(2R)-2,3-dihydroxypropyl (9Z)-octadec-9-enoate' 'C21 H40 O4'
#
# COMPACT_ATOMS: atom_id res chain seq x y z
N MSE A 23 -8.32 -15.00 20.89
CA MSE A 23 -8.48 -14.83 19.46
C MSE A 23 -7.50 -13.88 18.79
O MSE A 23 -7.76 -13.39 17.69
CB MSE A 23 -9.88 -14.35 19.17
CG MSE A 23 -10.12 -12.94 19.61
SE MSE A 23 -11.86 -12.55 18.91
CE MSE A 23 -11.62 -10.65 18.50
N PHE A 24 -6.37 -13.60 19.44
CA PHE A 24 -5.31 -12.82 18.79
C PHE A 24 -4.05 -13.67 18.71
N SER A 25 -4.18 -14.86 18.12
CA SER A 25 -3.04 -15.75 17.92
C SER A 25 -1.98 -15.15 17.01
N ILE A 26 -2.33 -14.12 16.23
CA ILE A 26 -1.33 -13.41 15.43
C ILE A 26 -0.19 -12.91 16.32
N ARG A 27 -0.46 -12.70 17.60
CA ARG A 27 0.56 -12.16 18.48
C ARG A 27 1.76 -13.11 18.58
N LYS A 28 1.56 -14.40 18.34
CA LYS A 28 2.65 -15.36 18.43
C LYS A 28 3.52 -15.40 17.17
N ILE A 29 3.17 -14.64 16.14
CA ILE A 29 3.98 -14.58 14.92
C ILE A 29 4.81 -13.31 14.86
N ILE A 30 4.53 -12.31 15.70
CA ILE A 30 5.20 -11.02 15.65
C ILE A 30 6.60 -11.14 16.23
N THR A 31 7.59 -10.66 15.50
CA THR A 31 8.97 -10.61 15.96
C THR A 31 9.36 -9.16 16.28
N ILE A 32 10.54 -9.01 16.88
CA ILE A 32 11.00 -7.67 17.21
C ILE A 32 11.30 -6.88 15.95
N SER A 33 11.78 -7.53 14.90
CA SER A 33 11.97 -6.82 13.64
C SER A 33 10.63 -6.40 13.01
N ASP A 34 9.54 -7.11 13.30
CA ASP A 34 8.24 -6.67 12.79
C ASP A 34 7.82 -5.32 13.38
N TYR A 35 8.24 -5.02 14.62
CA TYR A 35 7.88 -3.73 15.20
C TYR A 35 8.60 -2.60 14.46
N VAL A 36 9.83 -2.85 14.03
CA VAL A 36 10.51 -1.87 13.20
C VAL A 36 9.73 -1.66 11.90
N THR A 37 9.24 -2.75 11.31
CA THR A 37 8.47 -2.63 10.07
C THR A 37 7.20 -1.83 10.28
N MSE A 38 6.48 -2.10 11.38
CA MSE A 38 5.31 -1.29 11.69
C MSE A 38 5.62 0.19 11.92
O MSE A 38 4.82 1.04 11.55
CB MSE A 38 4.56 -1.85 12.92
CG MSE A 38 4.19 -3.32 12.79
SE MSE A 38 3.16 -3.91 14.36
CE MSE A 38 3.63 -5.77 14.29
N LEU A 39 6.77 0.54 12.51
CA LEU A 39 7.16 1.95 12.58
C LEU A 39 7.31 2.53 11.18
N ASN A 40 7.87 1.74 10.26
CA ASN A 40 7.95 2.14 8.86
C ASN A 40 6.55 2.36 8.26
N ILE A 41 5.61 1.45 8.52
CA ILE A 41 4.25 1.68 8.01
C ILE A 41 3.69 2.96 8.61
N ILE A 42 3.96 3.19 9.90
CA ILE A 42 3.47 4.42 10.55
C ILE A 42 4.05 5.65 9.85
N THR A 43 5.38 5.67 9.61
CA THR A 43 5.97 6.87 9.01
C THR A 43 5.49 7.07 7.58
N GLY A 44 5.29 5.99 6.84
CA GLY A 44 4.78 6.12 5.48
C GLY A 44 3.35 6.62 5.45
N LEU A 45 2.50 6.09 6.32
CA LEU A 45 1.13 6.59 6.40
C LEU A 45 1.10 8.05 6.82
N LEU A 46 1.90 8.42 7.83
CA LEU A 46 1.90 9.80 8.30
C LEU A 46 2.48 10.76 7.27
N ALA A 47 3.33 10.27 6.36
CA ALA A 47 3.75 11.12 5.25
C ALA A 47 2.55 11.60 4.45
N ILE A 48 1.59 10.71 4.20
CA ILE A 48 0.36 11.08 3.52
C ILE A 48 -0.52 11.93 4.43
N LEU A 49 -0.85 11.42 5.63
CA LEU A 49 -1.84 12.09 6.47
C LEU A 49 -1.40 13.51 6.81
N LEU A 50 -0.12 13.72 7.11
CA LEU A 50 0.41 15.02 7.52
C LEU A 50 1.09 15.79 6.39
N ASN A 51 1.02 15.30 5.16
CA ASN A 51 1.65 15.93 3.99
C ASN A 51 3.12 16.25 4.26
N SER A 52 3.89 15.21 4.57
CA SER A 52 5.24 15.39 5.09
C SER A 52 6.28 14.73 4.20
N PHE A 53 7.04 15.53 3.45
CA PHE A 53 8.21 14.95 2.79
C PHE A 53 9.17 14.39 3.81
N SER A 54 9.29 15.04 4.98
CA SER A 54 10.28 14.61 5.96
C SER A 54 10.15 13.14 6.29
N LEU A 55 8.91 12.69 6.47
CA LEU A 55 8.67 11.32 6.90
C LEU A 55 9.00 10.31 5.82
N ILE A 56 9.13 10.73 4.55
CA ILE A 56 9.55 9.76 3.55
C ILE A 56 10.99 9.37 3.80
N TYR A 57 11.81 10.35 4.15
CA TYR A 57 13.22 10.07 4.38
C TYR A 57 13.38 9.17 5.59
N LEU A 58 12.56 9.40 6.63
CA LEU A 58 12.60 8.53 7.79
C LEU A 58 12.18 7.11 7.41
N SER A 59 11.18 6.98 6.51
CA SER A 59 10.75 5.65 6.06
C SER A 59 11.89 4.89 5.37
N ILE A 60 12.72 5.59 4.61
CA ILE A 60 13.86 4.92 3.98
C ILE A 60 14.80 4.37 5.06
N ILE A 61 15.04 5.15 6.11
CA ILE A 61 15.86 4.68 7.24
C ILE A 61 15.28 3.43 7.87
N PHE A 62 13.99 3.45 8.23
CA PHE A 62 13.39 2.28 8.87
C PHE A 62 13.39 1.09 7.92
N ASP A 63 13.20 1.35 6.63
CA ASP A 63 13.20 0.24 5.67
C ASP A 63 14.56 -0.41 5.59
N SER A 64 15.64 0.35 5.78
CA SER A 64 16.94 -0.29 5.92
C SER A 64 17.09 -0.98 7.27
N LEU A 65 16.47 -0.45 8.33
CA LEU A 65 16.72 -0.99 9.65
C LEU A 65 15.97 -2.28 9.91
N ASP A 66 14.84 -2.55 9.24
CA ASP A 66 14.03 -3.67 9.71
C ASP A 66 14.59 -5.02 9.27
N GLY A 67 15.14 -5.11 8.06
CA GLY A 67 15.83 -6.33 7.66
C GLY A 67 17.13 -6.54 8.39
N TYR A 68 17.83 -5.47 8.71
CA TYR A 68 19.06 -5.55 9.49
C TYR A 68 18.78 -6.13 10.88
N VAL A 69 17.74 -5.62 11.54
CA VAL A 69 17.39 -6.12 12.86
C VAL A 69 16.97 -7.58 12.77
N ALA A 70 16.20 -7.94 11.73
CA ALA A 70 15.76 -9.33 11.61
C ALA A 70 16.96 -10.28 11.56
N ARG A 71 17.96 -9.96 10.74
CA ARG A 71 19.11 -10.85 10.58
C ARG A 71 20.00 -10.84 11.82
N LYS A 72 20.17 -9.68 12.45
CA LYS A 72 21.07 -9.62 13.60
C LYS A 72 20.45 -10.30 14.83
N THR A 73 19.13 -10.18 15.00
CA THR A 73 18.44 -10.84 16.10
C THR A 73 18.01 -12.26 15.78
N GLY A 74 18.19 -12.71 14.53
CA GLY A 74 17.78 -14.04 14.16
C GLY A 74 16.27 -14.21 14.19
N THR A 75 15.53 -13.19 13.78
CA THR A 75 14.08 -13.26 13.76
C THR A 75 13.56 -13.04 12.34
N VAL A 76 14.24 -13.62 11.36
CA VAL A 76 13.78 -13.55 9.98
C VAL A 76 12.55 -14.43 9.85
N SER A 77 11.55 -13.95 9.13
CA SER A 77 10.33 -14.75 8.96
C SER A 77 9.65 -14.40 7.63
N ASP A 78 8.85 -15.34 7.13
CA ASP A 78 8.10 -15.09 5.92
C ASP A 78 7.08 -13.97 6.14
N PHE A 79 6.47 -13.94 7.33
CA PHE A 79 5.54 -12.88 7.68
C PHE A 79 6.22 -11.52 7.61
N GLY A 80 7.40 -11.41 8.20
CA GLY A 80 8.11 -10.13 8.16
C GLY A 80 8.51 -9.73 6.76
N ALA A 81 8.94 -10.69 5.93
CA ALA A 81 9.27 -10.37 4.54
C ALA A 81 8.07 -9.77 3.81
N GLU A 82 6.87 -10.32 4.06
CA GLU A 82 5.68 -9.75 3.46
C GLU A 82 5.38 -8.38 4.03
N LEU A 83 5.47 -8.22 5.36
CA LEU A 83 5.19 -6.93 5.98
C LEU A 83 6.15 -5.85 5.48
N ASP A 84 7.40 -6.23 5.24
CA ASP A 84 8.39 -5.30 4.68
C ASP A 84 7.94 -4.81 3.31
N SER A 85 7.43 -5.71 2.47
CA SER A 85 7.00 -5.30 1.14
C SER A 85 5.75 -4.44 1.20
N ILE A 86 4.83 -4.80 2.11
CA ILE A 86 3.62 -4.02 2.31
C ILE A 86 3.95 -2.61 2.76
N SER A 87 4.87 -2.48 3.70
CA SER A 87 5.34 -1.15 4.10
C SER A 87 5.88 -0.38 2.90
N ASP A 88 6.59 -1.05 1.99
CA ASP A 88 7.11 -0.36 0.81
C ASP A 88 5.98 0.20 -0.04
N VAL A 89 4.89 -0.54 -0.17
CA VAL A 89 3.73 -0.02 -0.90
C VAL A 89 3.30 1.31 -0.31
N VAL A 90 3.17 1.36 1.01
CA VAL A 90 2.65 2.55 1.65
C VAL A 90 3.62 3.70 1.49
N SER A 91 4.86 3.48 1.90
CA SER A 91 5.83 4.56 2.06
C SER A 91 6.37 5.03 0.72
N PHE A 92 6.54 4.11 -0.23
CA PHE A 92 7.29 4.40 -1.43
C PHE A 92 6.48 4.27 -2.72
N GLY A 93 5.28 3.68 -2.67
CA GLY A 93 4.41 3.67 -3.83
C GLY A 93 3.31 4.72 -3.73
N VAL A 94 2.52 4.66 -2.66
CA VAL A 94 1.40 5.58 -2.47
C VAL A 94 1.88 6.95 -1.99
N ALA A 95 2.71 7.02 -0.95
CA ALA A 95 2.98 8.32 -0.36
C ALA A 95 3.63 9.31 -1.32
N PRO A 96 4.60 8.92 -2.16
CA PRO A 96 5.19 9.92 -3.07
C PRO A 96 4.24 10.34 -4.16
N ALA A 97 3.41 9.42 -4.63
CA ALA A 97 2.40 9.79 -5.61
C ALA A 97 1.39 10.76 -4.99
N TYR A 98 1.01 10.53 -3.73
CA TYR A 98 0.16 11.51 -3.05
C TYR A 98 0.88 12.85 -2.87
N LEU A 99 2.14 12.81 -2.44
CA LEU A 99 2.84 14.07 -2.20
C LEU A 99 3.02 14.87 -3.46
N LEU A 100 3.19 14.20 -4.61
CA LEU A 100 3.25 14.92 -5.88
C LEU A 100 1.94 15.62 -6.17
N TYR A 101 0.82 14.88 -6.15
CA TYR A 101 -0.44 15.46 -6.57
C TYR A 101 -0.94 16.49 -5.58
N ASN A 102 -0.86 16.17 -4.28
CA ASN A 102 -1.30 17.09 -3.25
C ASN A 102 -0.62 18.45 -3.37
N ASN A 103 0.66 18.46 -3.75
CA ASN A 103 1.42 19.71 -3.70
C ASN A 103 1.62 20.35 -5.07
N PHE A 104 1.25 19.66 -6.14
CA PHE A 104 1.33 20.17 -7.49
C PHE A 104 0.03 19.82 -8.22
N GLU A 105 -1.10 20.14 -7.59
CA GLU A 105 -2.42 19.71 -8.05
C GLU A 105 -2.69 20.15 -9.49
N SER A 106 -2.92 19.16 -10.35
CA SER A 106 -2.95 19.37 -11.80
C SER A 106 -3.30 18.04 -12.43
N ASN A 107 -3.86 18.10 -13.63
CA ASN A 107 -4.19 16.88 -14.35
C ASN A 107 -2.95 16.09 -14.69
N LEU A 108 -1.87 16.79 -15.08
CA LEU A 108 -0.64 16.10 -15.42
C LEU A 108 -0.04 15.41 -14.20
N ALA A 109 -0.06 16.08 -13.05
CA ALA A 109 0.43 15.45 -11.83
C ALA A 109 -0.47 14.28 -11.41
N LEU A 110 -1.77 14.37 -11.70
CA LEU A 110 -2.67 13.26 -11.39
C LEU A 110 -2.32 12.03 -12.20
N ILE A 111 -2.21 12.18 -13.53
CA ILE A 111 -1.80 11.07 -14.39
C ILE A 111 -0.43 10.54 -13.99
N SER A 112 0.51 11.44 -13.69
CA SER A 112 1.86 10.98 -13.35
C SER A 112 1.89 10.27 -12.00
N ALA A 113 1.10 10.73 -11.05
CA ALA A 113 1.09 10.06 -9.73
C ALA A 113 0.56 8.65 -9.88
N ILE A 114 -0.48 8.48 -10.72
CA ILE A 114 -1.02 7.18 -11.06
C ILE A 114 0.05 6.27 -11.66
N ILE A 115 0.77 6.78 -12.67
CA ILE A 115 1.79 5.96 -13.32
C ILE A 115 2.89 5.61 -12.32
N PHE A 116 3.31 6.58 -11.51
CA PHE A 116 4.34 6.31 -10.50
C PHE A 116 3.90 5.20 -9.57
N CYS A 117 2.71 5.33 -9.03
CA CYS A 117 2.24 4.35 -8.06
C CYS A 117 2.09 2.99 -8.72
N LEU A 118 1.54 2.96 -9.94
CA LEU A 118 1.41 1.70 -10.65
C LEU A 118 2.76 1.05 -10.90
N CYS A 119 3.76 1.86 -11.27
CA CYS A 119 5.08 1.29 -11.54
C CYS A 119 5.70 0.74 -10.26
N GLY A 120 5.55 1.45 -9.15
CA GLY A 120 5.98 0.89 -7.87
C GLY A 120 5.31 -0.42 -7.54
N ALA A 121 3.98 -0.51 -7.76
CA ALA A 121 3.26 -1.75 -7.52
C ALA A 121 3.80 -2.89 -8.38
N LEU A 122 4.01 -2.62 -9.67
CA LEU A 122 4.42 -3.68 -10.56
C LEU A 122 5.80 -4.21 -10.19
N ARG A 123 6.74 -3.34 -9.83
CA ARG A 123 8.06 -3.87 -9.48
C ARG A 123 8.03 -4.59 -8.14
N LEU A 124 7.15 -4.19 -7.21
CA LEU A 124 7.08 -4.91 -5.95
C LEU A 124 6.50 -6.31 -6.16
N ALA A 125 5.52 -6.44 -7.05
CA ALA A 125 5.03 -7.77 -7.40
C ALA A 125 6.11 -8.59 -8.09
N ARG A 126 6.85 -8.00 -9.01
CA ARG A 126 7.95 -8.74 -9.63
C ARG A 126 8.99 -9.13 -8.59
N PHE A 127 9.39 -8.19 -7.75
CA PHE A 127 10.35 -8.47 -6.69
C PHE A 127 9.82 -9.54 -5.74
N GLY A 128 8.50 -9.57 -5.52
CA GLY A 128 7.91 -10.58 -4.65
C GLY A 128 7.97 -11.98 -5.19
N ILE A 129 8.14 -12.15 -6.50
CA ILE A 129 8.30 -13.49 -7.07
C ILE A 129 9.74 -13.77 -7.46
N LEU A 130 10.65 -12.85 -7.20
CA LEU A 130 12.06 -12.99 -7.55
C LEU A 130 12.89 -13.19 -6.30
N ASN A 131 13.98 -13.94 -6.43
CA ASN A 131 14.96 -14.12 -5.36
C ASN A 131 16.35 -13.99 -5.98
N VAL A 132 16.65 -12.78 -6.45
CA VAL A 132 17.94 -12.47 -7.04
C VAL A 132 18.71 -11.53 -6.10
N LYS A 133 20.02 -11.43 -6.33
CA LYS A 133 20.87 -10.75 -5.36
C LYS A 133 20.97 -9.25 -5.59
N GLY A 134 20.87 -8.78 -6.84
CA GLY A 134 20.75 -7.37 -7.11
C GLY A 134 19.30 -6.94 -7.23
N PHE A 135 19.10 -5.71 -7.69
CA PHE A 135 17.77 -5.27 -8.10
C PHE A 135 17.64 -5.35 -9.60
N ILE A 136 16.43 -5.60 -10.06
CA ILE A 136 16.06 -5.54 -11.46
C ILE A 136 15.12 -4.35 -11.57
N GLY A 137 15.58 -3.33 -12.29
CA GLY A 137 14.94 -2.04 -12.25
C GLY A 137 15.34 -1.28 -10.99
N LEU A 138 15.09 0.01 -11.01
CA LEU A 138 15.42 0.87 -9.88
C LEU A 138 14.57 0.49 -8.67
N PRO A 139 15.18 0.25 -7.50
CA PRO A 139 14.40 -0.15 -6.32
C PRO A 139 13.44 0.95 -5.88
N ILE A 140 12.33 0.53 -5.28
CA ILE A 140 11.28 1.51 -4.99
C ILE A 140 11.66 2.53 -3.92
N PRO A 141 12.51 2.25 -2.92
CA PRO A 141 12.90 3.36 -2.04
C PRO A 141 13.75 4.40 -2.77
N ALA A 142 14.56 3.97 -3.74
CA ALA A 142 15.30 4.94 -4.56
C ALA A 142 14.35 5.76 -5.41
N GLY A 143 13.34 5.10 -6.01
CA GLY A 143 12.36 5.82 -6.78
C GLY A 143 11.64 6.87 -5.95
N ALA A 144 11.23 6.50 -4.74
CA ALA A 144 10.51 7.43 -3.87
C ALA A 144 11.39 8.61 -3.50
N LEU A 145 12.65 8.35 -3.20
CA LEU A 145 13.58 9.41 -2.83
C LEU A 145 13.70 10.42 -3.97
N LEU A 146 13.93 9.92 -5.19
CA LEU A 146 14.04 10.82 -6.33
C LEU A 146 12.81 11.71 -6.45
N LEU A 147 11.60 11.11 -6.41
CA LEU A 147 10.41 11.91 -6.63
C LEU A 147 10.25 12.94 -5.52
N VAL A 148 10.42 12.52 -4.27
CA VAL A 148 10.23 13.44 -3.15
C VAL A 148 11.26 14.57 -3.16
N GLY A 149 12.54 14.24 -3.39
CA GLY A 149 13.55 15.28 -3.53
C GLY A 149 13.27 16.23 -4.68
N PHE A 150 12.87 15.69 -5.83
CA PHE A 150 12.50 16.54 -6.95
C PHE A 150 11.35 17.47 -6.57
N CYS A 151 10.30 16.91 -5.94
CA CYS A 151 9.15 17.72 -5.53
C CYS A 151 9.53 18.84 -4.56
N GLN A 152 10.58 18.66 -3.75
CA GLN A 152 10.91 19.69 -2.78
C GLN A 152 11.79 20.79 -3.36
N LEU A 153 12.56 20.50 -4.41
CA LEU A 153 13.55 21.43 -4.90
C LEU A 153 13.24 22.00 -6.29
N ILE A 154 12.25 21.45 -6.99
CA ILE A 154 11.86 21.92 -8.32
C ILE A 154 10.43 22.43 -8.22
N ASN A 155 10.23 23.71 -8.46
CA ASN A 155 8.91 24.31 -8.35
C ASN A 155 8.24 24.37 -9.73
N SER A 156 8.00 23.19 -10.30
CA SER A 156 7.31 23.07 -11.58
C SER A 156 6.52 21.78 -11.58
N TYR A 157 5.19 21.90 -11.66
CA TYR A 157 4.36 20.70 -11.73
C TYR A 157 4.65 19.93 -13.01
N LEU A 158 5.00 20.63 -14.10
CA LEU A 158 5.26 19.95 -15.36
C LEU A 158 6.54 19.12 -15.28
N ILE A 159 7.62 19.72 -14.77
CA ILE A 159 8.88 18.99 -14.70
C ILE A 159 8.76 17.83 -13.72
N ASN A 160 8.14 18.07 -12.57
CA ASN A 160 7.99 17.00 -11.58
C ASN A 160 7.07 15.90 -12.09
N SER A 161 6.06 16.25 -12.89
CA SER A 161 5.20 15.20 -13.43
C SER A 161 5.95 14.38 -14.46
N ILE A 162 6.77 15.03 -15.29
CA ILE A 162 7.62 14.29 -16.21
C ILE A 162 8.54 13.37 -15.44
N LEU A 163 9.15 13.86 -14.36
CA LEU A 163 10.13 13.07 -13.61
C LEU A 163 9.48 11.83 -12.98
N ALA A 164 8.29 11.99 -12.42
CA ALA A 164 7.54 10.85 -11.87
C ALA A 164 7.40 9.73 -12.89
N ILE A 165 7.07 10.06 -14.14
CA ILE A 165 6.97 9.01 -15.16
C ILE A 165 8.33 8.37 -15.40
N LEU A 166 9.36 9.20 -15.57
CA LEU A 166 10.69 8.66 -15.82
C LEU A 166 11.11 7.71 -14.71
N ILE A 167 10.86 8.09 -13.45
CA ILE A 167 11.19 7.20 -12.32
C ILE A 167 10.36 5.93 -12.39
N GLY A 168 9.06 6.07 -12.69
CA GLY A 168 8.23 4.87 -12.82
C GLY A 168 8.78 3.91 -13.83
N LEU A 169 9.16 4.43 -15.00
CA LEU A 169 9.72 3.58 -16.06
C LEU A 169 11.03 2.92 -15.62
N LEU A 170 11.89 3.68 -14.96
CA LEU A 170 13.11 3.08 -14.39
C LEU A 170 12.79 1.95 -13.42
N MSE A 171 11.74 2.14 -12.62
CA MSE A 171 11.43 1.10 -11.62
C MSE A 171 10.96 -0.22 -12.21
O MSE A 171 11.21 -1.28 -11.65
CB MSE A 171 10.39 1.57 -10.63
CG MSE A 171 10.95 2.55 -9.61
SE MSE A 171 9.77 3.17 -8.21
CE MSE A 171 8.17 3.86 -9.11
N ILE A 172 10.27 -0.18 -13.34
CA ILE A 172 9.79 -1.41 -13.95
C ILE A 172 10.70 -1.88 -15.07
N SER A 173 11.90 -1.30 -15.20
CA SER A 173 12.83 -1.60 -16.27
C SER A 173 13.67 -2.83 -15.95
N ASP A 174 14.54 -3.20 -16.89
CA ASP A 174 15.48 -4.29 -16.73
C ASP A 174 16.86 -3.79 -16.37
N ILE A 175 16.99 -2.52 -16.00
CA ILE A 175 18.29 -1.96 -15.67
C ILE A 175 18.71 -2.54 -14.34
N LYS A 176 19.88 -3.19 -14.33
CA LYS A 176 20.44 -3.76 -13.11
C LYS A 176 20.97 -2.68 -12.19
N TYR A 177 20.65 -2.81 -10.89
CA TYR A 177 21.11 -1.92 -9.84
C TYR A 177 21.65 -2.74 -8.68
N PRO A 178 22.81 -2.37 -8.11
CA PRO A 178 23.37 -3.15 -7.00
C PRO A 178 22.57 -2.98 -5.71
N LYS A 179 22.58 -4.04 -4.90
CA LYS A 179 21.76 -4.08 -3.69
C LYS A 179 22.51 -3.71 -2.42
N TYR A 180 23.84 -3.80 -2.42
CA TYR A 180 24.63 -3.58 -1.20
C TYR A 180 25.67 -2.49 -1.44
N PRO A 181 25.30 -1.23 -1.25
CA PRO A 181 26.32 -0.18 -1.12
C PRO A 181 27.25 -0.49 0.05
N ASN A 182 28.55 -0.29 -0.18
CA ASN A 182 29.54 -0.58 0.85
C ASN A 182 29.44 0.42 1.99
N LYS A 183 30.21 0.16 3.05
CA LYS A 183 30.06 0.92 4.30
C LYS A 183 30.29 2.41 4.11
N ILE A 184 31.20 2.80 3.21
CA ILE A 184 31.43 4.23 2.95
C ILE A 184 30.17 4.89 2.41
N PHE A 185 29.49 4.23 1.48
CA PHE A 185 28.29 4.81 0.87
C PHE A 185 27.14 4.83 1.88
N ILE A 186 26.94 3.72 2.59
CA ILE A 186 26.00 3.70 3.70
C ILE A 186 26.24 4.88 4.64
N TYR A 187 27.48 5.04 5.10
CA TYR A 187 27.84 6.09 6.05
C TYR A 187 27.34 7.46 5.60
N ILE A 188 27.72 7.89 4.39
CA ILE A 188 27.35 9.25 3.97
C ILE A 188 25.89 9.34 3.51
N PHE A 189 25.31 8.23 3.03
CA PHE A 189 23.89 8.22 2.68
C PHE A 189 23.02 8.31 3.92
N ALA A 190 23.38 7.57 4.98
CA ALA A 190 22.63 7.65 6.22
C ALA A 190 22.58 9.10 6.69
N VAL A 191 23.73 9.75 6.74
CA VAL A 191 23.78 11.15 7.17
C VAL A 191 22.97 12.05 6.25
N SER A 192 23.06 11.84 4.92
CA SER A 192 22.28 12.67 3.99
C SER A 192 20.76 12.49 4.21
N LEU A 193 20.31 11.28 4.52
CA LEU A 193 18.89 11.06 4.80
C LEU A 193 18.43 11.84 6.02
N CYS A 194 19.23 11.85 7.09
CA CYS A 194 18.84 12.63 8.26
C CYS A 194 18.87 14.12 7.97
N LEU A 195 19.85 14.59 7.21
CA LEU A 195 19.77 15.97 6.74
C LEU A 195 18.49 16.22 5.95
N ALA A 196 18.06 15.25 5.15
CA ALA A 196 16.81 15.44 4.40
C ALA A 196 15.60 15.49 5.34
N ILE A 197 15.61 14.68 6.40
CA ILE A 197 14.53 14.74 7.39
C ILE A 197 14.34 16.16 7.92
N VAL A 198 15.43 16.89 8.11
CA VAL A 198 15.36 18.20 8.74
C VAL A 198 15.28 19.33 7.72
N GLY A 199 14.91 19.02 6.48
CA GLY A 199 14.69 20.04 5.48
C GLY A 199 15.85 20.33 4.55
N ILE A 200 16.87 19.46 4.52
CA ILE A 200 17.99 19.64 3.59
C ILE A 200 18.16 18.38 2.75
N PRO A 201 17.38 18.18 1.70
CA PRO A 201 17.39 16.91 0.98
C PRO A 201 18.42 16.83 -0.16
N HIS A 202 19.13 17.93 -0.43
CA HIS A 202 20.04 18.06 -1.58
C HIS A 202 21.06 16.92 -1.65
N PHE A 203 21.71 16.62 -0.52
CA PHE A 203 22.74 15.59 -0.51
C PHE A 203 22.17 14.20 -0.74
N ALA A 204 21.04 13.89 -0.11
CA ALA A 204 20.41 12.60 -0.37
C ALA A 204 19.98 12.49 -1.83
N LEU A 205 19.36 13.55 -2.37
CA LEU A 205 18.92 13.50 -3.76
C LEU A 205 20.10 13.36 -4.71
N MSE A 206 21.20 14.07 -4.45
CA MSE A 206 22.38 13.98 -5.30
C MSE A 206 22.99 12.57 -5.25
O MSE A 206 23.34 12.01 -6.29
CB MSE A 206 23.41 15.05 -4.88
CG MSE A 206 24.74 15.01 -5.61
SE MSE A 206 26.25 15.54 -4.47
CE MSE A 206 27.70 14.52 -5.29
N LEU A 207 23.12 11.99 -4.06
CA LEU A 207 23.62 10.62 -3.97
C LEU A 207 22.70 9.65 -4.70
N CYS A 208 21.39 9.86 -4.59
CA CYS A 208 20.44 8.95 -5.22
C CYS A 208 20.45 9.07 -6.74
N LEU A 209 20.63 10.29 -7.25
CA LEU A 209 20.77 10.50 -8.69
C LEU A 209 22.00 9.81 -9.25
N ILE A 210 23.12 9.91 -8.53
CA ILE A 210 24.35 9.28 -8.99
C ILE A 210 24.16 7.77 -9.09
N TYR A 211 23.51 7.20 -8.10
CA TYR A 211 23.13 5.79 -8.12
C TYR A 211 22.27 5.47 -9.35
N ALA A 212 21.17 6.21 -9.52
CA ALA A 212 20.28 5.93 -10.65
C ALA A 212 20.98 6.16 -12.01
N ILE A 213 21.67 7.29 -12.17
CA ILE A 213 22.27 7.58 -13.47
C ILE A 213 23.38 6.59 -13.82
N TYR A 214 24.18 6.18 -12.83
CA TYR A 214 25.23 5.19 -13.09
C TYR A 214 24.62 3.87 -13.58
N GLY A 215 23.48 3.47 -12.98
CA GLY A 215 22.81 2.27 -13.47
C GLY A 215 22.44 2.37 -14.93
N ILE A 216 21.86 3.50 -15.33
CA ILE A 216 21.48 3.68 -16.72
C ILE A 216 22.69 3.65 -17.65
N ILE A 217 23.77 4.33 -17.28
CA ILE A 217 24.93 4.39 -18.18
C ILE A 217 25.50 2.99 -18.41
N LYS A 218 25.61 2.20 -17.34
CA LYS A 218 26.05 0.80 -17.50
C LYS A 218 25.15 0.05 -18.45
N TYR A 219 23.84 0.27 -18.34
CA TYR A 219 22.89 -0.43 -19.20
C TYR A 219 23.11 -0.08 -20.67
N ILE A 220 23.22 1.21 -20.97
CA ILE A 220 23.41 1.66 -22.34
C ILE A 220 24.78 1.22 -22.86
N ARG A 221 25.80 1.27 -22.01
CA ARG A 221 27.14 0.87 -22.44
C ARG A 221 27.26 -0.63 -22.66
N GLY A 222 26.33 -1.42 -22.13
CA GLY A 222 26.39 -2.85 -22.29
C GLY A 222 27.01 -3.58 -21.11
N MSE B 23 14.70 -3.45 -22.37
CA MSE B 23 14.35 -2.50 -21.31
C MSE B 23 13.16 -2.98 -20.47
O MSE B 23 13.18 -2.85 -19.25
CB MSE B 23 14.03 -1.13 -21.91
CG MSE B 23 15.14 -0.07 -21.86
SE MSE B 23 15.86 0.32 -20.08
CE MSE B 23 14.52 1.60 -19.47
N PHE B 24 12.11 -3.50 -21.10
CA PHE B 24 10.84 -3.72 -20.40
C PHE B 24 10.36 -5.16 -20.56
N SER B 25 11.21 -6.12 -20.19
CA SER B 25 10.81 -7.53 -20.24
C SER B 25 9.60 -7.82 -19.37
N ILE B 26 9.33 -6.98 -18.35
CA ILE B 26 8.19 -7.18 -17.47
C ILE B 26 6.89 -7.30 -18.26
N ARG B 27 6.84 -6.75 -19.47
CA ARG B 27 5.58 -6.81 -20.21
C ARG B 27 5.20 -8.26 -20.55
N LYS B 28 6.19 -9.17 -20.59
CA LYS B 28 5.93 -10.55 -20.97
C LYS B 28 5.28 -11.36 -19.87
N ILE B 29 5.20 -10.83 -18.66
CA ILE B 29 4.58 -11.52 -17.54
C ILE B 29 3.26 -10.90 -17.12
N ILE B 30 2.83 -9.83 -17.78
CA ILE B 30 1.56 -9.17 -17.45
C ILE B 30 0.45 -9.88 -18.19
N THR B 31 -0.61 -10.22 -17.46
CA THR B 31 -1.78 -10.88 -17.99
C THR B 31 -2.93 -9.88 -18.13
N ILE B 32 -4.00 -10.31 -18.81
CA ILE B 32 -5.20 -9.48 -18.88
C ILE B 32 -5.80 -9.24 -17.50
N SER B 33 -5.72 -10.22 -16.60
CA SER B 33 -6.29 -10.02 -15.27
C SER B 33 -5.49 -8.99 -14.45
N ASP B 34 -4.19 -8.87 -14.72
CA ASP B 34 -3.39 -7.80 -14.10
C ASP B 34 -3.91 -6.41 -14.46
N TYR B 35 -4.42 -6.22 -15.69
CA TYR B 35 -4.99 -4.92 -16.04
C TYR B 35 -6.21 -4.60 -15.21
N VAL B 36 -6.99 -5.61 -14.83
CA VAL B 36 -8.09 -5.36 -13.90
C VAL B 36 -7.53 -4.99 -12.53
N THR B 37 -6.54 -5.73 -12.06
CA THR B 37 -5.88 -5.35 -10.81
C THR B 37 -5.35 -3.91 -10.89
N MSE B 38 -4.76 -3.53 -12.01
CA MSE B 38 -4.24 -2.17 -12.18
C MSE B 38 -5.34 -1.11 -12.09
O MSE B 38 -5.13 -0.07 -11.51
CB MSE B 38 -3.51 -2.09 -13.53
CG MSE B 38 -2.21 -2.90 -13.56
SE MSE B 38 -1.07 -2.36 -15.07
CE MSE B 38 -0.58 -4.15 -15.59
N LEU B 39 -6.51 -1.40 -12.67
CA LEU B 39 -7.69 -0.53 -12.47
C LEU B 39 -8.02 -0.38 -11.00
N ASN B 40 -7.91 -1.47 -10.24
CA ASN B 40 -8.15 -1.45 -8.80
C ASN B 40 -7.16 -0.54 -8.07
N ILE B 41 -5.86 -0.64 -8.40
CA ILE B 41 -4.88 0.27 -7.81
C ILE B 41 -5.20 1.70 -8.16
N ILE B 42 -5.61 1.97 -9.40
CA ILE B 42 -5.97 3.32 -9.78
C ILE B 42 -7.12 3.84 -8.93
N THR B 43 -8.20 3.04 -8.78
CA THR B 43 -9.34 3.54 -8.01
C THR B 43 -8.97 3.74 -6.55
N GLY B 44 -8.19 2.82 -5.99
CA GLY B 44 -7.77 2.98 -4.60
C GLY B 44 -6.89 4.21 -4.39
N LEU B 45 -5.94 4.44 -5.31
CA LEU B 45 -5.14 5.66 -5.22
C LEU B 45 -5.99 6.90 -5.37
N LEU B 46 -6.90 6.92 -6.34
CA LEU B 46 -7.72 8.11 -6.56
C LEU B 46 -8.70 8.35 -5.40
N ALA B 47 -9.09 7.29 -4.68
CA ALA B 47 -9.88 7.50 -3.47
C ALA B 47 -9.16 8.45 -2.52
N ILE B 48 -7.84 8.28 -2.39
CA ILE B 48 -7.01 9.17 -1.59
C ILE B 48 -6.84 10.52 -2.28
N LEU B 49 -6.35 10.52 -3.53
CA LEU B 49 -6.00 11.77 -4.19
C LEU B 49 -7.19 12.71 -4.32
N LEU B 50 -8.37 12.14 -4.57
CA LEU B 50 -9.57 12.95 -4.81
C LEU B 50 -10.51 12.96 -3.60
N ASN B 51 -10.09 12.37 -2.48
CA ASN B 51 -10.92 12.32 -1.27
C ASN B 51 -12.32 11.78 -1.58
N SER B 52 -12.35 10.57 -2.15
CA SER B 52 -13.57 10.01 -2.74
C SER B 52 -13.98 8.72 -2.04
N PHE B 53 -15.09 8.77 -1.27
CA PHE B 53 -15.61 7.51 -0.72
C PHE B 53 -16.13 6.62 -1.83
N SER B 54 -16.68 7.20 -2.90
CA SER B 54 -17.22 6.42 -4.01
C SER B 54 -16.23 5.41 -4.53
N LEU B 55 -14.97 5.85 -4.70
CA LEU B 55 -13.96 5.00 -5.32
C LEU B 55 -13.60 3.80 -4.46
N ILE B 56 -13.85 3.86 -3.15
CA ILE B 56 -13.64 2.66 -2.32
C ILE B 56 -14.61 1.56 -2.71
N TYR B 57 -15.87 1.91 -2.89
CA TYR B 57 -16.83 0.88 -3.25
C TYR B 57 -16.51 0.31 -4.62
N LEU B 58 -16.04 1.15 -5.54
CA LEU B 58 -15.62 0.66 -6.86
C LEU B 58 -14.40 -0.26 -6.76
N SER B 59 -13.46 0.05 -5.86
CA SER B 59 -12.32 -0.84 -5.66
C SER B 59 -12.78 -2.22 -5.21
N ILE B 60 -13.79 -2.29 -4.33
CA ILE B 60 -14.29 -3.60 -3.91
C ILE B 60 -14.81 -4.38 -5.12
N ILE B 61 -15.51 -3.70 -6.01
CA ILE B 61 -15.97 -4.36 -7.23
C ILE B 61 -14.79 -4.88 -8.05
N PHE B 62 -13.80 -4.01 -8.31
CA PHE B 62 -12.64 -4.44 -9.09
C PHE B 62 -11.88 -5.54 -8.36
N ASP B 63 -11.88 -5.52 -7.03
CA ASP B 63 -11.12 -6.53 -6.29
C ASP B 63 -11.76 -7.90 -6.41
N SER B 64 -13.08 -7.95 -6.62
CA SER B 64 -13.71 -9.24 -6.88
C SER B 64 -13.54 -9.66 -8.32
N LEU B 65 -13.47 -8.69 -9.23
CA LEU B 65 -13.41 -9.04 -10.65
C LEU B 65 -12.03 -9.53 -11.08
N ASP B 66 -10.94 -9.10 -10.43
CA ASP B 66 -9.65 -9.43 -11.03
C ASP B 66 -9.33 -10.91 -10.87
N GLY B 67 -9.62 -11.51 -9.72
CA GLY B 67 -9.43 -12.95 -9.59
C GLY B 67 -10.40 -13.74 -10.45
N TYR B 68 -11.65 -13.30 -10.51
CA TYR B 68 -12.64 -13.95 -11.37
C TYR B 68 -12.17 -14.02 -12.81
N VAL B 69 -11.67 -12.90 -13.33
CA VAL B 69 -11.19 -12.84 -14.70
C VAL B 69 -9.97 -13.74 -14.87
N ALA B 70 -9.07 -13.75 -13.88
CA ALA B 70 -7.90 -14.60 -13.95
C ALA B 70 -8.28 -16.06 -14.15
N ARG B 71 -9.27 -16.54 -13.39
CA ARG B 71 -9.68 -17.95 -13.43
C ARG B 71 -10.48 -18.26 -14.68
N LYS B 72 -11.36 -17.34 -15.11
CA LYS B 72 -12.16 -17.59 -16.29
C LYS B 72 -11.31 -17.59 -17.55
N THR B 73 -10.25 -16.79 -17.58
CA THR B 73 -9.38 -16.70 -18.74
C THR B 73 -8.16 -17.62 -18.65
N GLY B 74 -8.02 -18.36 -17.56
CA GLY B 74 -6.85 -19.20 -17.39
C GLY B 74 -5.56 -18.42 -17.32
N THR B 75 -5.58 -17.22 -16.74
CA THR B 75 -4.37 -16.42 -16.61
C THR B 75 -4.00 -16.21 -15.14
N VAL B 76 -4.26 -17.20 -14.29
CA VAL B 76 -3.85 -17.12 -12.90
C VAL B 76 -2.33 -17.09 -12.87
N SER B 77 -1.75 -16.20 -12.06
CA SER B 77 -0.28 -16.14 -11.99
C SER B 77 0.17 -15.69 -10.59
N ASP B 78 1.40 -16.03 -10.26
CA ASP B 78 1.95 -15.60 -8.98
C ASP B 78 2.17 -14.10 -8.95
N PHE B 79 2.61 -13.52 -10.06
CA PHE B 79 2.76 -12.07 -10.13
C PHE B 79 1.42 -11.40 -9.86
N GLY B 80 0.37 -11.92 -10.48
CA GLY B 80 -0.97 -11.36 -10.27
C GLY B 80 -1.47 -11.52 -8.85
N ALA B 81 -1.19 -12.67 -8.23
CA ALA B 81 -1.58 -12.83 -6.82
C ALA B 81 -0.90 -11.79 -5.95
N GLU B 82 0.35 -11.45 -6.26
CA GLU B 82 1.03 -10.41 -5.48
C GLU B 82 0.45 -9.03 -5.78
N LEU B 83 0.14 -8.73 -7.04
CA LEU B 83 -0.43 -7.43 -7.36
C LEU B 83 -1.80 -7.25 -6.71
N ASP B 84 -2.56 -8.35 -6.63
CA ASP B 84 -3.87 -8.34 -5.99
C ASP B 84 -3.76 -7.91 -4.53
N SER B 85 -2.78 -8.46 -3.79
CA SER B 85 -2.59 -8.07 -2.40
C SER B 85 -2.07 -6.64 -2.29
N ILE B 86 -1.17 -6.24 -3.19
CA ILE B 86 -0.66 -4.87 -3.19
C ILE B 86 -1.80 -3.88 -3.41
N SER B 87 -2.68 -4.17 -4.37
CA SER B 87 -3.86 -3.34 -4.56
C SER B 87 -4.68 -3.23 -3.27
N ASP B 88 -4.78 -4.32 -2.52
CA ASP B 88 -5.54 -4.29 -1.27
C ASP B 88 -4.91 -3.35 -0.26
N VAL B 89 -3.58 -3.32 -0.21
CA VAL B 89 -2.91 -2.37 0.69
C VAL B 89 -3.36 -0.96 0.38
N VAL B 90 -3.32 -0.60 -0.92
CA VAL B 90 -3.65 0.76 -1.33
C VAL B 90 -5.12 1.06 -1.03
N SER B 91 -6.02 0.24 -1.59
CA SER B 91 -7.44 0.55 -1.60
C SER B 91 -8.10 0.34 -0.24
N PHE B 92 -7.65 -0.64 0.53
CA PHE B 92 -8.36 -1.07 1.72
C PHE B 92 -7.58 -0.88 3.01
N GLY B 93 -6.27 -0.64 2.95
CA GLY B 93 -5.48 -0.32 4.13
C GLY B 93 -5.22 1.17 4.25
N VAL B 94 -4.54 1.76 3.25
CA VAL B 94 -4.20 3.18 3.28
C VAL B 94 -5.44 4.05 3.08
N ALA B 95 -6.22 3.76 2.03
CA ALA B 95 -7.26 4.72 1.65
C ALA B 95 -8.30 4.93 2.74
N PRO B 96 -8.82 3.90 3.41
CA PRO B 96 -9.83 4.19 4.45
C PRO B 96 -9.23 4.93 5.63
N ALA B 97 -7.98 4.61 5.96
CA ALA B 97 -7.31 5.36 7.02
C ALA B 97 -7.21 6.83 6.65
N TYR B 98 -6.83 7.12 5.39
CA TYR B 98 -6.76 8.51 4.94
C TYR B 98 -8.12 9.17 4.95
N LEU B 99 -9.15 8.48 4.45
CA LEU B 99 -10.48 9.07 4.43
C LEU B 99 -10.96 9.40 5.83
N LEU B 100 -10.64 8.57 6.81
CA LEU B 100 -11.02 8.85 8.20
C LEU B 100 -10.34 10.12 8.70
N TYR B 101 -9.01 10.16 8.62
CA TYR B 101 -8.29 11.30 9.19
C TYR B 101 -8.57 12.58 8.43
N ASN B 102 -8.64 12.50 7.10
CA ASN B 102 -8.81 13.70 6.31
C ASN B 102 -10.17 14.35 6.55
N ASN B 103 -11.20 13.56 6.83
CA ASN B 103 -12.54 14.11 6.97
C ASN B 103 -13.01 14.22 8.42
N PHE B 104 -12.24 13.70 9.36
CA PHE B 104 -12.52 13.81 10.78
C PHE B 104 -11.24 14.18 11.53
N GLU B 105 -10.57 15.24 11.05
CA GLU B 105 -9.21 15.56 11.49
C GLU B 105 -9.16 15.81 13.00
N SER B 106 -8.37 15.01 13.69
CA SER B 106 -8.26 15.05 15.14
C SER B 106 -7.20 14.04 15.53
N ASN B 107 -6.65 14.21 16.73
CA ASN B 107 -5.61 13.28 17.19
C ASN B 107 -6.16 11.87 17.36
N LEU B 108 -7.40 11.76 17.85
CA LEU B 108 -7.97 10.43 18.05
C LEU B 108 -8.14 9.74 16.71
N ALA B 109 -8.61 10.46 15.70
CA ALA B 109 -8.71 9.90 14.35
C ALA B 109 -7.34 9.59 13.76
N LEU B 110 -6.31 10.35 14.13
CA LEU B 110 -4.97 10.06 13.62
C LEU B 110 -4.46 8.74 14.16
N ILE B 111 -4.62 8.52 15.46
CA ILE B 111 -4.24 7.25 16.08
C ILE B 111 -5.07 6.10 15.53
N SER B 112 -6.38 6.32 15.37
CA SER B 112 -7.23 5.26 14.85
C SER B 112 -6.88 4.92 13.41
N ALA B 113 -6.54 5.93 12.60
CA ALA B 113 -6.14 5.65 11.23
C ALA B 113 -4.90 4.77 11.20
N ILE B 114 -3.92 5.08 12.05
CA ILE B 114 -2.71 4.27 12.15
C ILE B 114 -3.05 2.84 12.51
N ILE B 115 -3.89 2.63 13.53
CA ILE B 115 -4.20 1.28 13.97
C ILE B 115 -4.91 0.52 12.85
N PHE B 116 -5.91 1.15 12.24
CA PHE B 116 -6.63 0.51 11.14
C PHE B 116 -5.70 0.08 10.03
N CYS B 117 -4.87 1.00 9.56
CA CYS B 117 -3.94 0.68 8.48
C CYS B 117 -2.95 -0.39 8.90
N LEU B 118 -2.44 -0.30 10.14
CA LEU B 118 -1.52 -1.34 10.61
C LEU B 118 -2.18 -2.70 10.66
N CYS B 119 -3.43 -2.74 11.14
CA CYS B 119 -4.15 -4.00 11.22
C CYS B 119 -4.41 -4.58 9.83
N GLY B 120 -4.76 -3.75 8.87
CA GLY B 120 -4.89 -4.22 7.50
C GLY B 120 -3.59 -4.80 6.97
N ALA B 121 -2.47 -4.11 7.23
CA ALA B 121 -1.17 -4.63 6.82
C ALA B 121 -0.88 -5.98 7.46
N LEU B 122 -1.17 -6.11 8.75
CA LEU B 122 -0.82 -7.35 9.44
C LEU B 122 -1.63 -8.52 8.91
N ARG B 123 -2.94 -8.33 8.69
CA ARG B 123 -3.71 -9.45 8.16
C ARG B 123 -3.31 -9.78 6.73
N LEU B 124 -2.85 -8.79 5.95
CA LEU B 124 -2.41 -9.09 4.59
C LEU B 124 -1.09 -9.84 4.58
N ALA B 125 -0.18 -9.50 5.50
CA ALA B 125 1.03 -10.31 5.66
C ALA B 125 0.70 -11.71 6.12
N ARG B 126 -0.24 -11.85 7.05
CA ARG B 126 -0.60 -13.17 7.52
C ARG B 126 -1.24 -13.98 6.41
N PHE B 127 -2.18 -13.38 5.68
CA PHE B 127 -2.88 -14.12 4.64
C PHE B 127 -1.97 -14.40 3.46
N GLY B 128 -0.93 -13.59 3.26
CA GLY B 128 0.07 -13.90 2.26
C GLY B 128 0.88 -15.15 2.57
N ILE B 129 1.00 -15.52 3.85
CA ILE B 129 1.66 -16.76 4.21
C ILE B 129 0.65 -17.86 4.54
N LEU B 130 -0.64 -17.59 4.45
CA LEU B 130 -1.68 -18.56 4.72
C LEU B 130 -2.24 -19.11 3.41
N ASN B 131 -2.97 -20.21 3.53
CA ASN B 131 -3.68 -20.77 2.39
C ASN B 131 -4.85 -21.62 2.88
N VAL B 132 -5.84 -20.96 3.49
CA VAL B 132 -7.04 -21.62 3.97
C VAL B 132 -8.20 -21.26 3.05
N LYS B 133 -9.26 -22.08 3.12
CA LYS B 133 -10.39 -21.89 2.21
C LYS B 133 -11.29 -20.73 2.63
N GLY B 134 -11.39 -20.45 3.94
CA GLY B 134 -12.10 -19.30 4.42
C GLY B 134 -11.16 -18.17 4.77
N PHE B 135 -11.71 -17.19 5.48
CA PHE B 135 -10.90 -16.11 6.04
C PHE B 135 -10.69 -16.37 7.52
N ILE B 136 -9.52 -15.95 8.00
CA ILE B 136 -9.25 -15.87 9.44
C ILE B 136 -9.10 -14.41 9.76
N GLY B 137 -9.98 -13.90 10.60
CA GLY B 137 -10.15 -12.47 10.76
C GLY B 137 -11.05 -11.91 9.69
N LEU B 138 -11.56 -10.71 9.94
CA LEU B 138 -12.41 -10.04 8.96
C LEU B 138 -11.58 -9.64 7.74
N PRO B 139 -11.96 -10.05 6.52
CA PRO B 139 -11.15 -9.70 5.34
C PRO B 139 -11.05 -8.19 5.14
N ILE B 140 -9.98 -7.77 4.50
CA ILE B 140 -9.70 -6.33 4.46
C ILE B 140 -10.67 -5.54 3.58
N PRO B 141 -11.23 -6.06 2.48
CA PRO B 141 -12.26 -5.25 1.80
C PRO B 141 -13.48 -5.02 2.67
N ALA B 142 -13.84 -6.00 3.50
CA ALA B 142 -14.98 -5.82 4.41
C ALA B 142 -14.65 -4.81 5.49
N GLY B 143 -13.42 -4.84 6.02
CA GLY B 143 -13.00 -3.81 6.95
C GLY B 143 -13.07 -2.42 6.36
N ALA B 144 -12.61 -2.27 5.11
CA ALA B 144 -12.62 -0.96 4.47
C ALA B 144 -14.05 -0.48 4.27
N LEU B 145 -14.93 -1.39 3.86
CA LEU B 145 -16.33 -1.03 3.64
C LEU B 145 -16.95 -0.52 4.94
N LEU B 146 -16.72 -1.22 6.04
CA LEU B 146 -17.30 -0.76 7.30
C LEU B 146 -16.81 0.65 7.64
N LEU B 147 -15.49 0.88 7.60
CA LEU B 147 -14.99 2.18 8.01
C LEU B 147 -15.52 3.30 7.12
N VAL B 148 -15.45 3.13 5.79
CA VAL B 148 -15.89 4.24 4.94
C VAL B 148 -17.40 4.43 5.01
N GLY B 149 -18.17 3.34 5.12
CA GLY B 149 -19.60 3.48 5.34
C GLY B 149 -19.92 4.22 6.63
N PHE B 150 -19.26 3.85 7.72
CA PHE B 150 -19.43 4.58 8.98
C PHE B 150 -19.07 6.04 8.82
N CYS B 151 -17.95 6.33 8.12
CA CYS B 151 -17.51 7.70 7.94
C CYS B 151 -18.50 8.54 7.16
N GLN B 152 -19.27 7.92 6.27
CA GLN B 152 -20.22 8.67 5.46
C GLN B 152 -21.52 8.93 6.19
N LEU B 153 -21.89 8.03 7.11
CA LEU B 153 -23.20 8.09 7.74
C LEU B 153 -23.17 8.53 9.18
N ILE B 154 -22.04 8.42 9.86
CA ILE B 154 -21.92 8.84 11.25
C ILE B 154 -21.13 10.13 11.29
N ASN B 155 -21.76 11.19 11.77
CA ASN B 155 -21.07 12.47 11.87
C ASN B 155 -20.58 12.65 13.31
N SER B 156 -19.58 11.84 13.66
CA SER B 156 -18.87 11.99 14.94
C SER B 156 -17.47 11.41 14.81
N TYR B 157 -16.46 12.25 15.06
CA TYR B 157 -15.09 11.77 14.94
C TYR B 157 -14.77 10.75 16.03
N LEU B 158 -15.32 10.94 17.24
CA LEU B 158 -15.10 9.97 18.31
C LEU B 158 -15.65 8.60 17.94
N ILE B 159 -16.90 8.54 17.48
CA ILE B 159 -17.48 7.24 17.20
C ILE B 159 -16.73 6.57 16.07
N ASN B 160 -16.43 7.31 15.01
CA ASN B 160 -15.75 6.68 13.88
C ASN B 160 -14.32 6.28 14.24
N SER B 161 -13.66 7.02 15.11
CA SER B 161 -12.32 6.62 15.53
C SER B 161 -12.37 5.35 16.35
N ILE B 162 -13.36 5.24 17.26
CA ILE B 162 -13.58 4.00 17.97
C ILE B 162 -13.82 2.86 16.98
N LEU B 163 -14.72 3.06 16.03
CA LEU B 163 -15.08 1.96 15.11
C LEU B 163 -13.87 1.51 14.29
N ALA B 164 -13.04 2.45 13.84
CA ALA B 164 -11.81 2.10 13.13
C ALA B 164 -10.95 1.12 13.92
N ILE B 165 -10.80 1.35 15.23
CA ILE B 165 -10.04 0.41 16.05
C ILE B 165 -10.72 -0.95 16.11
N LEU B 166 -12.03 -0.94 16.38
CA LEU B 166 -12.77 -2.20 16.47
C LEU B 166 -12.62 -3.00 15.17
N ILE B 167 -12.69 -2.31 14.02
CA ILE B 167 -12.54 -3.00 12.74
C ILE B 167 -11.13 -3.54 12.61
N GLY B 168 -10.13 -2.72 12.97
CA GLY B 168 -8.76 -3.20 12.95
C GLY B 168 -8.58 -4.47 13.77
N LEU B 169 -9.14 -4.50 14.99
CA LEU B 169 -9.03 -5.68 15.84
C LEU B 169 -9.72 -6.90 15.22
N LEU B 170 -10.91 -6.69 14.65
CA LEU B 170 -11.57 -7.78 13.93
C LEU B 170 -10.70 -8.35 12.82
N MSE B 171 -9.93 -7.49 12.17
CA MSE B 171 -9.27 -7.82 10.93
C MSE B 171 -8.07 -8.73 11.31
O MSE B 171 -7.66 -9.64 10.56
CB MSE B 171 -8.80 -6.53 10.28
CG MSE B 171 -9.90 -5.93 9.38
SE MSE B 171 -9.27 -4.72 8.03
CE MSE B 171 -8.62 -3.24 9.06
N ILE B 172 -7.47 -8.50 12.48
CA ILE B 172 -6.30 -9.29 12.90
C ILE B 172 -6.68 -10.42 13.82
N SER B 173 -7.98 -10.63 14.06
CA SER B 173 -8.48 -11.59 15.01
C SER B 173 -8.47 -12.99 14.39
N ASP B 174 -8.87 -13.96 15.20
CA ASP B 174 -9.01 -15.34 14.79
C ASP B 174 -10.46 -15.68 14.45
N ILE B 175 -11.35 -14.69 14.43
CA ILE B 175 -12.74 -14.95 14.09
C ILE B 175 -12.81 -15.44 12.65
N LYS B 176 -13.38 -16.64 12.47
CA LYS B 176 -13.50 -17.22 11.14
C LYS B 176 -14.64 -16.57 10.38
N TYR B 177 -14.41 -16.33 9.08
CA TYR B 177 -15.37 -15.62 8.25
C TYR B 177 -15.54 -16.34 6.93
N PRO B 178 -16.78 -16.57 6.48
CA PRO B 178 -17.00 -17.30 5.25
C PRO B 178 -16.52 -16.53 4.02
N LYS B 179 -15.90 -17.26 3.11
CA LYS B 179 -15.66 -16.79 1.75
C LYS B 179 -16.58 -17.54 0.80
N TYR B 180 -17.81 -17.81 1.26
CA TYR B 180 -18.75 -18.53 0.41
C TYR B 180 -20.00 -17.75 -0.03
N PRO B 181 -20.00 -16.38 -0.16
CA PRO B 181 -21.23 -15.72 -0.60
C PRO B 181 -21.83 -16.38 -1.83
N ASN B 182 -22.89 -17.16 -1.65
CA ASN B 182 -23.55 -17.80 -2.77
C ASN B 182 -24.27 -16.75 -3.62
N LYS B 183 -24.93 -17.23 -4.69
CA LYS B 183 -25.29 -16.35 -5.81
C LYS B 183 -26.23 -15.23 -5.37
N ILE B 184 -27.17 -15.52 -4.48
CA ILE B 184 -28.12 -14.49 -4.06
C ILE B 184 -27.41 -13.38 -3.31
N PHE B 185 -26.41 -13.73 -2.51
CA PHE B 185 -25.69 -12.73 -1.73
C PHE B 185 -24.82 -11.86 -2.63
N ILE B 186 -24.09 -12.48 -3.56
CA ILE B 186 -23.33 -11.70 -4.55
C ILE B 186 -24.26 -10.77 -5.31
N TYR B 187 -25.40 -11.29 -5.75
CA TYR B 187 -26.34 -10.52 -6.54
C TYR B 187 -26.70 -9.22 -5.84
N ILE B 188 -27.21 -9.31 -4.60
CA ILE B 188 -27.65 -8.09 -3.90
C ILE B 188 -26.47 -7.26 -3.38
N PHE B 189 -25.36 -7.91 -3.00
CA PHE B 189 -24.20 -7.13 -2.56
C PHE B 189 -23.67 -6.27 -3.69
N ALA B 190 -23.59 -6.82 -4.90
CA ALA B 190 -23.07 -6.07 -6.04
C ALA B 190 -23.93 -4.86 -6.33
N VAL B 191 -25.25 -5.03 -6.31
CA VAL B 191 -26.16 -3.90 -6.48
C VAL B 191 -25.94 -2.88 -5.38
N SER B 192 -25.81 -3.34 -4.13
CA SER B 192 -25.64 -2.40 -3.02
C SER B 192 -24.34 -1.59 -3.16
N LEU B 193 -23.27 -2.23 -3.62
CA LEU B 193 -22.01 -1.51 -3.85
C LEU B 193 -22.18 -0.42 -4.88
N CYS B 194 -22.93 -0.70 -5.95
CA CYS B 194 -23.10 0.32 -6.97
C CYS B 194 -23.97 1.46 -6.46
N LEU B 195 -24.98 1.13 -5.65
CA LEU B 195 -25.72 2.21 -4.98
C LEU B 195 -24.80 3.03 -4.10
N ALA B 196 -23.87 2.37 -3.41
CA ALA B 196 -22.89 3.10 -2.60
C ALA B 196 -22.02 4.01 -3.47
N ILE B 197 -21.62 3.55 -4.66
CA ILE B 197 -20.79 4.39 -5.53
C ILE B 197 -21.49 5.72 -5.82
N VAL B 198 -22.80 5.69 -5.96
CA VAL B 198 -23.55 6.89 -6.35
C VAL B 198 -24.11 7.62 -5.12
N GLY B 199 -23.55 7.36 -3.94
CA GLY B 199 -23.85 8.17 -2.78
C GLY B 199 -24.88 7.60 -1.82
N ILE B 200 -25.26 6.33 -1.97
CA ILE B 200 -26.24 5.66 -1.12
C ILE B 200 -25.61 4.41 -0.54
N PRO B 201 -24.75 4.52 0.48
CA PRO B 201 -24.02 3.36 0.98
C PRO B 201 -24.75 2.55 2.05
N HIS B 202 -25.95 2.94 2.46
CA HIS B 202 -26.67 2.27 3.55
C HIS B 202 -26.81 0.77 3.33
N PHE B 203 -27.18 0.36 2.12
CA PHE B 203 -27.44 -1.06 1.86
C PHE B 203 -26.16 -1.88 1.87
N ALA B 204 -25.07 -1.36 1.29
CA ALA B 204 -23.79 -2.05 1.36
C ALA B 204 -23.30 -2.14 2.81
N LEU B 205 -23.37 -1.02 3.54
CA LEU B 205 -22.98 -1.03 4.95
C LEU B 205 -23.80 -2.02 5.76
N MSE B 206 -25.11 -2.06 5.54
CA MSE B 206 -25.96 -2.97 6.29
C MSE B 206 -25.60 -4.44 6.05
O MSE B 206 -25.50 -5.22 7.00
CB MSE B 206 -27.41 -2.75 5.89
CG MSE B 206 -28.31 -3.91 6.24
SE MSE B 206 -30.15 -3.49 5.81
CE MSE B 206 -29.97 -1.57 5.49
N LEU B 207 -25.46 -4.79 4.77
CA LEU B 207 -25.08 -6.16 4.41
C LEU B 207 -23.74 -6.55 5.01
N CYS B 208 -22.76 -5.63 4.96
CA CYS B 208 -21.44 -5.90 5.51
C CYS B 208 -21.47 -6.07 7.02
N LEU B 209 -22.27 -5.24 7.71
CA LEU B 209 -22.40 -5.36 9.16
C LEU B 209 -23.00 -6.70 9.55
N ILE B 210 -23.97 -7.19 8.78
CA ILE B 210 -24.58 -8.48 9.06
C ILE B 210 -23.53 -9.58 8.96
N TYR B 211 -22.74 -9.55 7.90
CA TYR B 211 -21.64 -10.49 7.72
C TYR B 211 -20.65 -10.39 8.88
N ALA B 212 -20.26 -9.17 9.23
CA ALA B 212 -19.33 -8.97 10.33
C ALA B 212 -19.91 -9.48 11.65
N ILE B 213 -21.12 -9.03 12.00
CA ILE B 213 -21.69 -9.38 13.30
C ILE B 213 -21.97 -10.88 13.39
N TYR B 214 -22.38 -11.50 12.29
CA TYR B 214 -22.62 -12.94 12.27
C TYR B 214 -21.37 -13.73 12.65
N GLY B 215 -20.23 -13.35 12.09
CA GLY B 215 -18.99 -14.04 12.44
C GLY B 215 -18.67 -13.91 13.90
N ILE B 216 -18.88 -12.72 14.46
CA ILE B 216 -18.63 -12.49 15.88
C ILE B 216 -19.52 -13.41 16.72
N ILE B 217 -20.81 -13.47 16.39
CA ILE B 217 -21.73 -14.28 17.19
C ILE B 217 -21.32 -15.75 17.18
N LYS B 218 -20.99 -16.27 16.00
CA LYS B 218 -20.58 -17.67 15.92
C LYS B 218 -19.30 -17.91 16.74
N TYR B 219 -18.39 -16.93 16.74
CA TYR B 219 -17.17 -17.10 17.52
C TYR B 219 -17.50 -17.23 19.00
N ILE B 220 -18.26 -16.28 19.54
CA ILE B 220 -18.61 -16.32 20.97
C ILE B 220 -19.44 -17.56 21.29
N ARG B 221 -20.33 -17.95 20.39
CA ARG B 221 -21.14 -19.14 20.65
C ARG B 221 -20.31 -20.42 20.64
N GLY B 222 -19.09 -20.37 20.10
CA GLY B 222 -18.22 -21.53 20.09
C GLY B 222 -18.66 -22.61 19.12
OAA 58A C . 12.37 -11.20 8.46
CAB 58A C . 12.14 -10.06 8.29
NAC 58A C . 11.18 -9.36 9.15
CAD 58A C . 10.92 -7.96 8.95
NAE 58A C . 9.95 -7.34 9.84
CAF 58A C . 11.60 -7.19 7.87
CAG 58A C . 12.59 -7.89 7.00
NAH 58A C . 12.86 -9.31 7.23
C1' 58A C . 13.82 -10.04 6.37
O4' 58A C . 14.68 -8.96 5.69
C2' 58A C . 13.20 -10.66 5.44
O2' 58A C . 13.97 -11.84 5.07
C3' 58A C . 13.23 -9.64 4.16
O3' 58A C . 12.94 -10.41 2.95
C4' 58A C . 14.43 -9.23 4.18
C5' 58A C . 14.64 -7.82 3.55
O5' 58A C . 15.74 -7.32 4.23
PAR 58A C . 16.17 -5.79 3.91
OAT 58A C . 15.24 -4.81 4.63
OAS 58A C . 17.59 -5.61 4.39
OAU 58A C . 16.02 -5.59 2.30
PAV 58A C . 15.24 -4.30 1.63
OAX 58A C . 15.20 -4.46 0.11
OAW 58A C . 13.82 -4.21 2.22
OAY 58A C . 16.01 -2.91 2.09
CAZ 58A C . 16.88 -2.20 1.24
CBA 58A C . 16.17 -0.98 0.68
OBB 58A C . 16.53 -0.80 -0.68
CBU 58A C . 17.80 -0.27 -1.01
OCK 58A C . 18.78 -0.55 -0.38
CBV 58A C . 17.87 0.69 -2.24
CBW 58A C . 19.23 1.32 -2.47
CBX 58A C . 19.04 2.82 -2.82
CBY 58A C . 20.37 3.45 -3.38
CBZ 58A C . 21.01 4.40 -2.32
CCA 58A C . 21.28 5.82 -2.92
CCB 58A C . 22.79 5.92 -3.38
CCC 58A C . 23.76 5.90 -2.19
CCD 58A C . 25.06 6.21 -2.40
CCE 58A C . 25.53 6.60 -3.85
CCF 58A C . 26.36 5.44 -4.47
CCG 58A C . 26.04 5.30 -5.97
CCH 58A C . 26.75 4.06 -6.55
CCI 58A C . 27.74 4.51 -7.65
CCJ 58A C . 29.10 3.71 -7.48
CBC 58A C . 16.38 0.33 1.50
OBD 58A C . 17.70 0.39 2.08
CBE 58A C . 18.43 1.60 1.78
OCL 58A C . 17.96 2.46 1.09
CBF 58A C . 19.88 1.79 2.36
CBG 58A C . 19.88 3.08 3.29
CBH 58A C . 21.34 3.40 3.84
CBI 58A C . 21.17 4.28 5.11
CBJ 58A C . 21.31 3.36 6.37
CBK 58A C . 20.37 3.83 7.51
CBL 58A C . 20.83 3.18 8.83
CBM 58A C . 20.49 4.10 10.05
CBN 58A C . 21.48 4.80 10.72
CBO 58A C . 21.03 5.67 11.94
CBP 58A C . 19.79 6.59 11.53
CBQ 58A C . 19.21 7.25 12.82
CBR 58A C . 17.79 6.69 13.14
CBS 58A C . 16.75 7.74 12.72
CBT 58A C . 15.32 7.26 13.08
CA CA D . 13.22 -3.54 4.60
CL CL E . 12.17 -2.47 -4.42
CL CL F . 14.14 -6.55 -8.08
N SER G . 11.22 -8.02 2.92
CA SER G . 10.65 -7.54 1.67
C SER G . 10.71 -8.65 0.63
O SER G . 11.67 -9.42 0.57
CB SER G . 11.38 -6.29 1.19
OG SER G . 12.41 -6.59 0.29
OXT SER G . 9.78 -8.83 -0.14
N SER H . 18.83 -3.89 5.84
CA SER H . 20.01 -3.58 5.03
C SER H . 21.30 -4.01 5.72
O SER H . 21.27 -4.62 6.79
CB SER H . 20.06 -2.09 4.70
OG SER H . 19.02 -1.72 3.80
OXT SER H . 22.39 -3.76 5.23
NA NA I . 10.43 -11.11 11.11
MG MG J . 9.90 -2.14 3.57
CL CL K . -5.05 -13.34 15.59
C18 OLC L . -14.20 3.17 -14.27
C10 OLC L . -12.46 11.64 -12.48
C9 OLC L . -11.91 12.85 -12.46
C17 OLC L . -13.33 4.42 -14.07
C11 OLC L . -11.76 10.41 -11.95
C8 OLC L . -10.53 13.13 -11.88
C24 OLC L . -6.83 19.21 -10.32
C16 OLC L . -12.41 4.27 -12.86
C12 OLC L . -12.32 9.17 -12.64
C7 OLC L . -10.45 14.61 -11.53
C15 OLC L . -11.69 5.60 -12.56
C13 OLC L . -12.07 7.94 -11.76
C6 OLC L . -10.03 15.43 -12.75
C14 OLC L . -12.72 6.71 -12.40
C5 OLC L . -10.85 16.71 -12.84
C4 OLC L . -10.28 17.59 -13.94
C3 OLC L . -10.06 19.01 -13.41
C2 OLC L . -11.32 19.46 -12.67
C21 OLC L . -9.02 20.42 -10.13
C1 OLC L . -10.95 20.29 -11.44
C22 OLC L . -8.36 19.07 -10.36
O19 OLC L . -11.77 20.50 -10.61
O25 OLC L . -6.24 18.05 -10.85
O23 OLC L . -8.79 18.17 -9.36
O20 OLC L . -9.66 20.80 -11.31
C18 OLC M . 18.11 5.31 17.38
C10 OLC M . 19.86 -2.66 16.20
C9 OLC M . 20.70 -3.69 16.18
C17 OLC M . 17.57 4.70 16.10
C11 OLC M . 20.40 -1.24 16.32
C8 OLC M . 20.13 -5.09 16.06
C24 OLC M . 20.34 -15.22 16.98
C16 OLC M . 18.69 4.03 15.29
C12 OLC M . 19.61 -0.36 15.38
C7 OLC M . 19.88 -5.66 17.45
C15 OLC M . 19.70 3.39 16.23
C13 OLC M . 19.23 0.93 16.10
C6 OLC M . 21.19 -6.30 17.94
C14 OLC M . 20.18 2.05 15.67
C5 OLC M . 20.86 -7.53 18.78
C4 OLC M . 21.67 -8.72 18.27
C3 OLC M . 21.46 -9.93 19.18
C2 OLC M . 19.99 -10.04 19.60
C21 OLC M . 20.08 -13.69 18.94
C1 OLC M . 19.59 -11.50 19.70
C22 OLC M . 21.06 -14.26 17.91
O19 OLC M . 19.10 -11.92 20.70
O25 OLC M . 20.89 -15.11 15.70
O23 OLC M . 21.60 -13.22 17.15
O20 OLC M . 19.80 -12.36 18.61
C18 OLC N . -9.70 1.74 -19.85
C10 OLC N . -8.62 5.01 -15.13
C9 OLC N . -8.36 6.12 -14.47
C17 OLC N . -10.25 0.85 -18.75
C11 OLC N . -8.31 4.90 -16.62
C8 OLC N . -7.74 7.33 -15.17
C24 OLC N . -8.13 16.39 -19.84
C16 OLC N . -11.75 1.09 -18.60
C12 OLC N . -9.65 4.86 -17.35
C7 OLC N . -8.17 8.59 -14.42
C15 OLC N . -12.06 1.95 -17.37
C13 OLC N . -10.42 3.67 -16.77
C6 OLC N . -7.92 9.83 -15.27
C14 OLC N . -11.68 3.41 -17.59
C5 OLC N . -7.43 10.96 -14.36
C4 OLC N . -7.35 12.26 -15.16
C3 OLC N . -8.75 12.84 -15.26
C2 OLC N . -8.92 13.47 -16.65
C21 OLC N . -7.04 14.45 -18.70
C1 OLC N . -8.14 14.78 -16.66
C22 OLC N . -6.83 15.60 -19.70
O19 OLC N . -8.54 15.71 -16.03
O25 OLC N . -9.22 15.56 -19.58
O23 OLC N . -5.79 16.44 -19.25
O20 OLC N . -6.96 14.91 -17.39
C18 OLC O . 13.57 3.36 16.40
C10 OLC O . 16.59 -4.47 19.49
C9 OLC O . 17.05 -5.70 19.64
C17 OLC O . 13.74 1.87 16.17
C11 OLC O . 16.11 -3.99 18.13
C8 OLC O . 17.53 -6.17 21.02
C24 OLC O . 8.96 -6.96 22.43
C16 OLC O . 15.11 1.61 15.54
C12 OLC O . 15.70 -2.53 18.25
C7 OLC O . 17.52 -7.68 21.08
C15 OLC O . 15.44 0.13 15.55
C13 OLC O . 16.07 -1.81 16.95
C6 OLC O . 16.09 -8.18 20.96
C14 OLC O . 15.56 -0.38 16.99
C5 OLC O . 15.67 -8.94 22.21
C4 OLC O . 14.14 -9.02 22.26
C3 OLC O . 13.57 -7.60 22.19
C2 OLC O . 13.75 -6.92 23.54
C21 OLC O . 10.45 -7.13 24.43
C1 OLC O . 12.77 -7.53 24.54
C22 OLC O . 9.18 -7.65 23.76
O19 OLC O . 13.09 -7.63 25.69
O25 OLC O . 10.05 -6.15 22.11
O23 OLC O . 9.27 -9.04 23.57
O20 OLC O . 11.52 -7.97 24.10
C18 OLC P . 20.78 16.15 11.03
C10 OLC P . 14.40 11.59 14.24
C9 OLC P . 13.19 12.09 14.30
C17 OLC P . 20.53 15.63 12.43
C11 OLC P . 15.07 11.21 12.92
C8 OLC P . 12.32 12.32 13.07
C24 OLC P . 5.30 19.89 8.24
C16 OLC P . 19.64 14.39 12.41
C12 OLC P . 16.59 11.31 13.10
C7 OLC P . 10.94 12.75 13.55
C15 OLC P . 18.17 14.77 12.35
C13 OLC P . 17.15 12.45 12.23
C6 OLC P . 10.55 14.09 12.91
C14 OLC P . 17.33 13.71 13.06
C5 OLC P . 9.23 13.94 12.16
C4 OLC P . 8.43 15.24 12.31
C3 OLC P . 7.01 15.12 11.72
C2 OLC P . 6.83 16.19 10.63
C21 OLC P . 3.95 17.98 9.12
C1 OLC P . 5.37 16.58 10.37
C22 OLC P . 4.10 18.98 7.98
O19 OLC P . 4.55 16.52 11.23
O25 OLC P . 6.49 19.22 7.93
O23 OLC P . 4.29 18.29 6.76
O20 OLC P . 5.01 17.05 9.10
C18 OLC Q . 12.61 7.05 16.25
C10 OLC Q . 6.55 11.58 13.35
C9 OLC Q . 5.52 12.40 13.37
C17 OLC Q . 12.44 8.15 15.21
C11 OLC Q . 6.86 10.69 14.55
C8 OLC Q . 4.61 12.51 14.58
C24 OLC Q . -4.51 20.43 18.75
C16 OLC Q . 11.07 8.79 15.35
C12 OLC Q . 6.51 9.25 14.18
C7 OLC Q . 4.02 13.91 14.64
C15 OLC Q . 9.99 7.79 14.97
C13 OLC Q . 7.80 8.46 13.93
C6 OLC Q . 2.50 13.86 14.63
C14 OLC Q . 8.61 8.40 15.23
C5 OLC Q . 1.97 15.19 15.15
C4 OLC Q . 0.48 15.31 14.85
C3 OLC Q . -0.08 16.49 15.64
C2 OLC Q . -1.43 16.89 15.06
C21 OLC Q . -2.89 18.65 18.06
C1 OLC Q . -2.35 17.31 16.20
C22 OLC Q . -4.06 19.50 17.61
O19 OLC Q . -3.34 16.68 16.42
O25 OLC Q . -5.69 19.91 19.29
O23 OLC Q . -3.67 20.25 16.49
O20 OLC Q . -2.04 18.44 16.97
MG MG R . -6.83 -6.90 -4.55
CL CL S . 11.01 -4.81 -17.30
OAA 58A T . -3.78 -14.59 -11.00
CAB 58A T . -4.28 -13.59 -10.63
NAC 58A T . -3.98 -12.31 -11.31
CAD 58A T . -4.61 -11.10 -10.84
NAE 58A T . -4.28 -9.86 -11.53
CAF 58A T . -5.57 -11.12 -9.69
CAG 58A T . -5.87 -12.41 -9.02
NAH 58A T . -5.23 -13.62 -9.50
C1' 58A T . -5.50 -14.93 -8.86
O4' 58A T . -6.83 -14.78 -8.12
C2' 58A T . -4.63 -15.21 -7.97
O2' 58A T . -4.54 -16.66 -7.78
C3' 58A T . -5.26 -14.62 -6.56
O3' 58A T . -4.57 -15.28 -5.45
C4' 58A T . -6.45 -15.04 -6.65
C5' 58A T . -7.43 -14.17 -5.81
O5' 58A T . -8.69 -14.35 -6.32
PAR 58A T . -9.79 -13.30 -5.77
OAT 58A T . -9.52 -11.91 -6.30
OAS 58A T . -11.17 -13.78 -6.17
OAU 58A T . -9.63 -13.31 -4.13
PAV 58A T . -9.98 -12.01 -3.18
OAX 58A T . -9.60 -12.35 -1.75
OAW 58A T . -9.20 -10.80 -3.69
OAY 58A T . -11.61 -11.75 -3.25
CAZ 58A T . -12.07 -10.44 -3.41
CBA 58A T . -12.72 -9.97 -2.11
OBB 58A T . -13.43 -11.03 -1.51
CBU 58A T . -13.83 -10.78 -0.17
OCK 58A T . -13.33 -9.90 0.45
CBV 58A T . -14.92 -11.66 0.51
CBW 58A T . -15.46 -10.98 1.77
CBX 58A T . -16.25 -9.70 1.41
CBY 58A T . -17.31 -9.35 2.52
CBZ 58A T . -18.76 -9.64 2.02
CCA 58A T . -19.69 -8.50 2.53
CCB 58A T . -21.14 -8.99 2.80
CCC 58A T . -21.70 -9.79 1.62
CCD 58A T . -22.98 -10.22 1.62
CCE 58A T . -23.93 -9.91 2.83
CCF 58A T . -23.77 -11.02 3.91
CCG 58A T . -25.13 -11.40 4.52
CCH 58A T . -26.29 -11.13 3.53
CCI 58A T . -27.54 -11.92 3.94
CCJ 58A T . -28.78 -10.94 4.02
CBC 58A T . -13.69 -8.82 -2.50
OBD 58A T . -14.81 -9.39 -3.17
CBE 58A T . -16.04 -9.13 -2.49
OCL 58A T . -16.03 -8.48 -1.49
CBF 58A T . -17.39 -9.69 -3.06
CBG 58A T . -18.04 -8.60 -4.02
CBH 58A T . -19.24 -9.25 -4.79
CBI 58A T . -19.95 -8.16 -5.63
CBJ 58A T . -18.95 -7.60 -6.69
CBK 58A T . -19.10 -8.33 -8.05
CBL 58A T . -19.32 -7.31 -9.20
CBM 58A T . -20.58 -7.73 -10.02
CBN 58A T . -20.93 -7.22 -11.26
CBO 58A T . -20.06 -6.14 -11.98
CBP 58A T . -20.78 -4.72 -12.00
CBQ 58A T . -19.93 -3.74 -12.88
CBR 58A T . -20.00 -2.29 -12.33
CBS 58A T . -18.61 -1.65 -12.19
CBT 58A T . -17.54 -2.38 -13.06
CA CA U . -8.84 -9.73 -5.90
CL CL V . -8.11 -9.87 3.25
CL CL W . -7.26 -14.88 6.08
N SER X . -5.12 -10.85 -3.19
CA SER X . -5.28 -12.21 -2.70
C SER X . -4.29 -13.17 -3.33
O SER X . -4.24 -14.35 -2.96
CB SER X . -6.70 -12.69 -2.92
OG SER X . -7.03 -13.79 -2.08
OXT SER X . -3.53 -12.82 -4.23
N SER Y . -13.34 -12.93 -7.39
CA SER Y . -14.36 -13.68 -6.68
C SER Y . -15.11 -14.62 -7.62
O SER Y . -14.50 -15.35 -8.39
CB SER Y . -15.34 -12.72 -6.00
OG SER Y . -14.96 -12.46 -4.66
OXT SER Y . -16.34 -14.68 -7.61
NA NA Z . -2.63 -13.05 -13.48
C18 OLC AA . -27.23 3.33 -9.65
C10 OLC AA . -19.21 3.59 -12.93
C9 OLC AA . -18.57 4.73 -12.75
C17 OLC AA . -26.30 2.14 -9.79
C11 OLC AA . -19.24 2.53 -11.81
C8 OLC AA . -17.83 5.06 -11.45
C24 OLC AA . -16.71 13.29 -4.98
C16 OLC AA . -25.49 2.22 -11.09
C12 OLC AA . -20.55 1.74 -11.84
C7 OLC AA . -17.05 6.36 -11.60
C15 OLC AA . -24.12 2.84 -10.84
C13 OLC AA . -21.68 2.62 -11.29
C6 OLC AA . -16.76 6.95 -10.22
C14 OLC AA . -23.04 1.95 -11.45
C5 OLC AA . -16.07 8.32 -10.34
C4 OLC AA . -16.25 9.10 -9.05
C3 OLC AA . -15.64 10.51 -9.13
C2 OLC AA . -14.67 10.66 -7.97
C21 OLC AA . -14.63 13.91 -6.20
C1 OLC AA . -14.29 12.11 -7.71
C22 OLC AA . -15.39 14.05 -4.89
O19 OLC AA . -13.98 12.82 -8.61
O25 OLC AA . -16.51 11.92 -4.75
O23 OLC AA . -14.61 13.55 -3.84
O20 OLC AA . -14.29 12.57 -6.39
C18 OLC BA . -17.59 -3.24 -17.69
C10 OLC BA . -16.55 -11.35 -17.49
C9 OLC BA . -15.88 -12.30 -18.12
C17 OLC BA . -18.63 -4.11 -16.99
C11 OLC BA . -15.87 -10.09 -16.95
C8 OLC BA . -14.39 -12.18 -18.39
C24 OLC BA . -9.56 -21.18 -19.43
C16 OLC BA . -17.97 -4.78 -15.78
C12 OLC BA . -16.72 -8.89 -17.35
C7 OLC BA . -13.79 -13.55 -18.71
C15 OLC BA . -18.61 -6.13 -15.51
C13 OLC BA . -17.26 -8.14 -16.12
C6 OLC BA . -14.26 -14.04 -20.08
C14 OLC BA . -18.24 -7.09 -16.63
C5 OLC BA . -13.68 -15.43 -20.34
C4 OLC BA . -12.84 -15.42 -21.63
C3 OLC BA . -11.98 -16.69 -21.69
C2 OLC BA . -10.79 -16.46 -22.62
C21 OLC BA . -9.39 -19.67 -21.41
C1 OLC BA . -9.77 -17.59 -22.42
C22 OLC BA . -10.22 -20.77 -20.74
O19 OLC BA . -8.61 -17.34 -22.42
O25 OLC BA . -8.34 -21.79 -19.70
O23 OLC BA . -11.51 -20.29 -20.48
O20 OLC BA . -10.21 -18.91 -22.24
#